data_1R20
#
_entry.id   1R20
#
_cell.length_a   149.429
_cell.length_b   149.429
_cell.length_c   61.058
_cell.angle_alpha   90.00
_cell.angle_beta   90.00
_cell.angle_gamma   120.00
#
_symmetry.space_group_name_H-M   'P 3 2 1'
#
loop_
_entity.id
_entity.type
_entity.pdbx_description
1 polymer 'ULTRASPIRACLE PROTEIN'
2 polymer 'ECDYSONE RECEPTOR'
3 non-polymer L-ALPHA-PHOSPHATIDYL-BETA-OLEOYL-GAMMA-PALMITOYL-PHOSPHATIDYLETHANOLAMINE
4 non-polymer "N-(TERT-BUTYL)-3,5-DIMETHYL-N'-[(5-METHYL-2,3-DIHYDRO-1,4-BENZODIOXIN-6-YL)CARBONYL]BENZOHYDRAZIDE"
5 water water
#
loop_
_entity_poly.entity_id
_entity_poly.type
_entity_poly.pdbx_seq_one_letter_code
_entity_poly.pdbx_strand_id
1 'polypeptide(L)'
;MVQELSIERLLEMESLVADPSEEFQFLRVGPDSNVPPKFRAPVSSLCQIGNKQIAALVVWARDIPHFSQLEMEDQILLIK
GSWNELLLFAIAWRSMEFLTEERDGVDGTGNRTTSPPQLMCLMPGMTLHRNSALQAGVGQIFDRVLSELSLKMRTLRVDQ
AEYVALKAIILLNPDVKGLKNRQEVEVLREKMFLCLDEYCRRSRSSEEGRFAALLLRLPALRSISLKSFEHLFFFHLVAD
TSIAGYIRDALRNHAPPIDTNMM
;
A
2 'polypeptide(L)'
;GSHMASMTGGQQMGRDPKNVPPLTANQKSLIARLVYYQEGYEQPSEEDLKRVTQTWQSDEDDEDSDMPFRQITEMTILTV
QLIVEFAKGLPGFSKISQSDQITLLKACSSEVMMLRVARRYDAATDSVLFANNQAYTRDNYRKAGMAYVIEDLLHFCRCM
YSMMMDNVHYALLTAIVIFSDRPGLEQPSLVEEIQRYYLNTLRVYILNQNSASPRSAVIFGKILGILTEIRTLGMQNSNM
CISLKLKNRKLPPFLEEIWDVADVA
;
D
#
# COMPACT_ATOMS: atom_id res chain seq x y z
N GLN A 3 -0.33 28.73 -7.20
CA GLN A 3 -1.00 28.31 -8.46
C GLN A 3 -0.19 27.21 -9.16
N GLU A 4 0.93 26.82 -8.56
CA GLU A 4 1.78 25.75 -9.10
C GLU A 4 2.16 24.85 -7.93
N LEU A 5 2.02 23.54 -8.14
CA LEU A 5 2.31 22.57 -7.11
C LEU A 5 3.80 22.26 -7.09
N SER A 6 4.49 22.72 -6.06
CA SER A 6 5.92 22.51 -5.98
C SER A 6 6.46 22.16 -4.60
N ILE A 7 7.53 21.39 -4.56
CA ILE A 7 8.09 21.02 -3.28
C ILE A 7 8.34 22.31 -2.52
N GLU A 8 8.40 23.42 -3.27
CA GLU A 8 8.64 24.68 -2.62
C GLU A 8 7.38 25.17 -1.89
N ARG A 9 6.25 25.33 -2.59
CA ARG A 9 5.05 25.79 -1.91
C ARG A 9 4.62 24.80 -0.83
N LEU A 10 4.54 23.53 -1.18
CA LEU A 10 4.16 22.50 -0.21
C LEU A 10 4.92 22.66 1.09
N LEU A 11 6.17 23.16 1.02
CA LEU A 11 7.02 23.34 2.20
C LEU A 11 6.65 24.54 3.08
N GLU A 12 6.58 25.73 2.50
CA GLU A 12 6.22 26.89 3.30
C GLU A 12 4.83 26.71 3.81
N MET A 13 4.09 25.82 3.17
CA MET A 13 2.73 25.55 3.54
C MET A 13 2.63 24.70 4.81
N GLU A 14 3.77 24.25 5.32
CA GLU A 14 3.76 23.43 6.53
C GLU A 14 3.63 24.33 7.76
N SER A 15 4.20 25.51 7.68
CA SER A 15 4.15 26.46 8.79
C SER A 15 2.75 26.89 9.17
N LEU A 16 1.90 27.08 8.17
CA LEU A 16 0.53 27.51 8.37
C LEU A 16 -0.27 26.63 9.32
N VAL A 17 -0.48 27.17 10.51
CA VAL A 17 -1.19 26.52 11.60
C VAL A 17 -2.71 26.53 11.41
N ALA A 18 -3.34 25.44 11.81
CA ALA A 18 -4.78 25.24 11.69
C ALA A 18 -5.64 26.37 12.25
N ASP A 19 -6.90 26.05 12.52
CA ASP A 19 -7.86 26.99 13.10
C ASP A 19 -8.72 26.13 13.99
N PRO A 20 -8.40 26.09 15.29
CA PRO A 20 -9.16 25.29 16.26
C PRO A 20 -10.62 25.76 16.38
N SER A 21 -11.33 25.68 15.25
CA SER A 21 -12.72 26.08 15.15
C SER A 21 -13.57 24.90 15.60
N GLU A 22 -14.06 24.15 14.62
CA GLU A 22 -14.89 22.98 14.90
C GLU A 22 -14.10 21.67 14.78
N GLU A 23 -13.92 21.00 15.92
CA GLU A 23 -13.22 19.73 15.93
C GLU A 23 -14.35 18.72 15.75
N PHE A 24 -14.39 18.14 14.56
CA PHE A 24 -15.39 17.15 14.22
C PHE A 24 -14.97 15.79 14.74
N GLN A 25 -15.93 15.05 15.26
CA GLN A 25 -15.68 13.73 15.84
C GLN A 25 -15.38 12.61 14.85
N PHE A 26 -14.15 12.55 14.36
CA PHE A 26 -13.77 11.49 13.45
C PHE A 26 -13.49 10.28 14.33
N LEU A 27 -13.12 10.56 15.57
CA LEU A 27 -12.80 9.53 16.56
C LEU A 27 -13.41 9.88 17.90
N ARG A 28 -14.08 8.92 18.52
CA ARG A 28 -14.69 9.05 19.84
C ARG A 28 -15.06 7.70 20.37
N VAL A 29 -15.25 7.62 21.69
CA VAL A 29 -15.60 6.34 22.28
C VAL A 29 -17.11 6.14 22.25
N GLY A 30 -17.51 5.27 21.33
CA GLY A 30 -18.92 4.96 21.14
C GLY A 30 -19.66 4.49 22.38
N PRO A 31 -21.00 4.58 22.38
CA PRO A 31 -21.64 4.11 23.61
C PRO A 31 -21.52 2.58 23.70
N ASP A 32 -21.40 2.12 24.93
CA ASP A 32 -21.29 0.69 25.16
C ASP A 32 -20.24 0.08 24.22
N SER A 33 -19.06 0.71 24.18
CA SER A 33 -17.95 0.21 23.38
C SER A 33 -17.31 -0.77 24.34
N ASN A 34 -16.31 -1.52 23.92
CA ASN A 34 -15.69 -2.43 24.86
C ASN A 34 -14.38 -1.91 25.42
N VAL A 35 -14.36 -0.60 25.69
CA VAL A 35 -13.19 0.02 26.29
C VAL A 35 -13.49 0.00 27.78
N PRO A 36 -12.66 -0.70 28.58
CA PRO A 36 -12.85 -0.79 30.03
C PRO A 36 -12.90 0.57 30.74
N PRO A 37 -13.98 0.85 31.48
CA PRO A 37 -14.15 2.12 32.19
C PRO A 37 -12.92 2.90 32.70
N LYS A 38 -12.05 2.30 33.48
CA LYS A 38 -10.90 3.06 33.97
C LYS A 38 -10.00 3.63 32.87
N PHE A 39 -10.17 3.18 31.63
CA PHE A 39 -9.35 3.70 30.56
C PHE A 39 -10.25 4.41 29.59
N ARG A 40 -11.55 4.42 29.88
CA ARG A 40 -12.50 5.09 29.00
C ARG A 40 -12.31 6.60 29.04
N ALA A 41 -11.42 7.07 29.91
CA ALA A 41 -11.13 8.49 30.02
C ALA A 41 -9.94 8.75 29.12
N PRO A 42 -8.90 7.92 29.24
CA PRO A 42 -7.73 8.08 28.39
C PRO A 42 -8.00 7.89 26.91
N VAL A 43 -8.69 6.82 26.51
CA VAL A 43 -8.97 6.63 25.08
C VAL A 43 -9.55 7.90 24.51
N SER A 44 -10.67 8.32 25.10
CA SER A 44 -11.35 9.52 24.66
C SER A 44 -10.48 10.76 24.56
N SER A 45 -9.47 10.91 25.41
CA SER A 45 -8.63 12.08 25.34
C SER A 45 -7.73 11.99 24.14
N LEU A 46 -7.26 10.78 23.85
CA LEU A 46 -6.40 10.59 22.69
C LEU A 46 -7.30 10.85 21.49
N CYS A 47 -8.52 10.35 21.52
CA CYS A 47 -9.42 10.62 20.42
C CYS A 47 -9.49 12.11 20.17
N GLN A 48 -9.67 12.89 21.23
CA GLN A 48 -9.78 14.34 21.11
C GLN A 48 -8.51 14.88 20.42
N ILE A 49 -7.38 14.23 20.68
CA ILE A 49 -6.15 14.66 20.05
C ILE A 49 -6.16 14.35 18.56
N GLY A 50 -6.53 13.14 18.18
CA GLY A 50 -6.54 12.80 16.78
C GLY A 50 -7.56 13.58 15.95
N ASN A 51 -8.53 14.18 16.59
CA ASN A 51 -9.48 14.90 15.78
C ASN A 51 -8.92 16.24 15.46
N LYS A 52 -8.25 16.84 16.43
CA LYS A 52 -7.68 18.15 16.17
C LYS A 52 -6.83 17.94 14.97
N GLN A 53 -6.03 16.91 15.02
CA GLN A 53 -5.09 16.63 13.96
C GLN A 53 -5.73 16.41 12.60
N ILE A 54 -6.82 15.67 12.55
CA ILE A 54 -7.50 15.46 11.30
C ILE A 54 -7.93 16.82 10.74
N ALA A 55 -8.30 17.78 11.57
CA ALA A 55 -8.68 19.06 10.95
C ALA A 55 -7.46 19.73 10.36
N ALA A 56 -6.31 19.53 11.01
CA ALA A 56 -5.09 20.11 10.51
C ALA A 56 -4.76 19.50 9.18
N LEU A 57 -5.37 18.36 8.85
CA LEU A 57 -5.07 17.70 7.60
C LEU A 57 -6.07 17.99 6.55
N VAL A 58 -7.28 18.30 6.99
CA VAL A 58 -8.32 18.58 6.06
C VAL A 58 -8.14 19.98 5.57
N VAL A 59 -7.48 20.79 6.38
CA VAL A 59 -7.27 22.17 6.00
C VAL A 59 -6.00 22.31 5.19
N TRP A 60 -5.01 21.48 5.50
CA TRP A 60 -3.76 21.47 4.77
C TRP A 60 -4.10 20.96 3.40
N ALA A 61 -4.86 19.89 3.30
CA ALA A 61 -5.22 19.37 1.99
C ALA A 61 -5.96 20.43 1.16
N ARG A 62 -6.99 21.02 1.74
CA ARG A 62 -7.76 22.00 1.05
C ARG A 62 -6.94 23.05 0.35
N ASP A 63 -5.86 23.50 0.97
CA ASP A 63 -5.03 24.53 0.37
C ASP A 63 -4.10 24.07 -0.72
N ILE A 64 -3.57 22.87 -0.60
CA ILE A 64 -2.68 22.35 -1.61
C ILE A 64 -3.12 22.82 -3.00
N PRO A 65 -2.16 23.32 -3.81
CA PRO A 65 -2.36 23.82 -5.16
C PRO A 65 -3.16 22.90 -6.05
N HIS A 66 -4.25 23.43 -6.55
CA HIS A 66 -5.19 22.77 -7.45
C HIS A 66 -6.18 21.85 -6.75
N PHE A 67 -5.78 21.31 -5.60
CA PHE A 67 -6.63 20.38 -4.91
C PHE A 67 -8.10 20.87 -4.80
N SER A 68 -8.26 22.16 -4.62
CA SER A 68 -9.59 22.66 -4.47
C SER A 68 -10.27 22.89 -5.81
N GLN A 69 -9.55 22.72 -6.92
CA GLN A 69 -10.23 22.89 -8.20
C GLN A 69 -10.77 21.55 -8.65
N LEU A 70 -10.74 20.58 -7.75
CA LEU A 70 -11.22 19.25 -8.04
C LEU A 70 -12.70 19.20 -7.76
N GLU A 71 -13.41 18.44 -8.57
CA GLU A 71 -14.84 18.29 -8.40
C GLU A 71 -14.94 18.02 -6.90
N MET A 72 -15.80 18.75 -6.20
CA MET A 72 -15.91 18.55 -4.76
C MET A 72 -16.18 17.09 -4.31
N GLU A 73 -17.03 16.35 -5.03
CA GLU A 73 -17.28 14.93 -4.71
C GLU A 73 -15.96 14.27 -4.38
N ASP A 74 -14.97 14.51 -5.25
CA ASP A 74 -13.58 13.98 -5.16
C ASP A 74 -12.73 14.55 -4.01
N GLN A 75 -12.89 15.83 -3.69
CA GLN A 75 -12.11 16.41 -2.61
C GLN A 75 -12.36 15.60 -1.39
N ILE A 76 -13.63 15.25 -1.21
CA ILE A 76 -14.05 14.41 -0.10
C ILE A 76 -13.50 12.95 -0.16
N LEU A 77 -13.55 12.27 -1.31
CA LEU A 77 -13.03 10.88 -1.35
C LEU A 77 -11.50 10.74 -1.18
N LEU A 78 -10.75 11.78 -1.53
CA LEU A 78 -9.31 11.73 -1.41
C LEU A 78 -8.90 11.97 0.05
N ILE A 79 -9.68 12.76 0.76
CA ILE A 79 -9.32 13.03 2.14
C ILE A 79 -9.80 11.91 2.98
N LYS A 80 -11.04 11.50 2.76
CA LYS A 80 -11.61 10.37 3.47
C LYS A 80 -10.67 9.21 3.18
N GLY A 81 -10.28 9.08 1.91
CA GLY A 81 -9.39 7.99 1.55
C GLY A 81 -7.99 8.06 2.16
N SER A 82 -7.66 9.05 2.96
CA SER A 82 -6.28 9.04 3.44
C SER A 82 -5.99 9.63 4.78
N TRP A 83 -6.99 10.21 5.45
CA TRP A 83 -6.70 10.83 6.74
C TRP A 83 -5.80 9.88 7.56
N ASN A 84 -6.32 8.72 7.91
CA ASN A 84 -5.61 7.75 8.69
C ASN A 84 -4.15 7.45 8.22
N GLU A 85 -3.87 7.16 6.94
CA GLU A 85 -2.47 6.89 6.59
C GLU A 85 -1.68 8.17 6.88
N LEU A 86 -2.25 9.32 6.58
CA LEU A 86 -1.57 10.60 6.79
C LEU A 86 -1.23 10.96 8.22
N LEU A 87 -1.89 10.38 9.21
CA LEU A 87 -1.57 10.71 10.60
C LEU A 87 -0.44 9.81 11.00
N LEU A 88 -0.46 8.58 10.50
CA LEU A 88 0.59 7.69 10.91
C LEU A 88 1.86 8.21 10.34
N PHE A 89 1.82 8.78 9.14
CA PHE A 89 3.06 9.29 8.56
C PHE A 89 3.60 10.42 9.44
N ALA A 90 2.79 11.44 9.72
CA ALA A 90 3.14 12.56 10.59
C ALA A 90 3.58 12.11 12.01
N ILE A 91 3.04 11.00 12.51
CA ILE A 91 3.42 10.47 13.80
C ILE A 91 4.82 9.92 13.68
N ALA A 92 5.02 8.99 12.76
CA ALA A 92 6.34 8.40 12.59
C ALA A 92 7.39 9.46 12.31
N TRP A 93 7.02 10.53 11.61
CA TRP A 93 7.96 11.62 11.35
C TRP A 93 8.27 12.25 12.68
N ARG A 94 7.25 12.79 13.34
CA ARG A 94 7.40 13.40 14.66
C ARG A 94 8.14 12.46 15.62
N SER A 95 7.70 11.22 15.66
CA SER A 95 8.29 10.23 16.54
C SER A 95 9.74 9.90 16.30
N MET A 96 10.36 10.52 15.30
CA MET A 96 11.76 10.21 15.03
C MET A 96 12.74 10.80 16.02
N GLU A 97 12.39 11.92 16.65
CA GLU A 97 13.31 12.52 17.60
C GLU A 97 13.32 11.84 18.94
N PHE A 98 12.15 11.50 19.46
CA PHE A 98 12.10 10.90 20.78
C PHE A 98 12.90 9.63 20.99
N LEU A 99 13.08 8.80 19.98
CA LEU A 99 13.88 7.64 20.25
C LEU A 99 14.87 7.16 19.21
N THR A 100 16.11 7.15 19.67
CA THR A 100 17.28 6.74 18.93
C THR A 100 17.68 5.40 19.56
N GLU A 101 16.68 4.74 20.15
CA GLU A 101 16.87 3.45 20.82
C GLU A 101 16.36 2.29 19.93
N THR A 113 19.50 -7.87 23.68
CA THR A 113 20.49 -7.35 22.70
C THR A 113 20.27 -5.89 22.33
N THR A 114 19.10 -5.60 21.75
CA THR A 114 18.76 -4.23 21.39
C THR A 114 17.52 -3.77 22.12
N SER A 115 17.39 -2.46 22.33
CA SER A 115 16.22 -1.94 23.02
C SER A 115 15.22 -1.35 22.04
N PRO A 116 13.98 -1.88 21.94
CA PRO A 116 12.98 -1.33 21.01
C PRO A 116 12.66 0.10 21.43
N PRO A 117 12.51 1.02 20.47
CA PRO A 117 12.18 2.41 20.82
C PRO A 117 10.89 2.51 21.65
N GLN A 118 11.00 2.75 22.95
CA GLN A 118 9.84 2.81 23.83
C GLN A 118 8.90 4.03 23.66
N LEU A 119 9.32 5.01 22.87
CA LEU A 119 8.51 6.22 22.69
C LEU A 119 7.80 6.38 21.33
N MET A 120 6.74 7.16 21.31
CA MET A 120 6.02 7.43 20.09
C MET A 120 5.32 8.73 20.38
N CYS A 121 5.49 9.68 19.48
CA CYS A 121 4.92 11.00 19.64
C CYS A 121 3.53 11.23 18.96
N LEU A 122 2.49 11.50 19.74
CA LEU A 122 1.15 11.72 19.21
C LEU A 122 0.94 13.13 18.72
N MET A 123 1.49 14.08 19.45
CA MET A 123 1.39 15.48 19.09
C MET A 123 2.37 16.05 20.05
N PRO A 124 3.02 17.17 19.69
CA PRO A 124 4.00 17.74 20.65
C PRO A 124 3.68 17.47 22.19
N GLY A 125 4.69 17.11 22.96
CA GLY A 125 4.45 17.01 24.40
C GLY A 125 3.26 16.20 24.88
N MET A 126 3.15 15.04 24.26
CA MET A 126 2.18 14.03 24.56
C MET A 126 2.80 12.86 23.77
N THR A 127 3.75 12.11 24.38
CA THR A 127 4.39 10.96 23.71
C THR A 127 3.93 9.57 24.29
N LEU A 128 3.09 8.79 23.56
CA LEU A 128 2.62 7.45 24.03
C LEU A 128 3.83 6.61 24.50
N HIS A 129 3.66 5.73 25.47
CA HIS A 129 4.77 4.92 25.87
C HIS A 129 4.41 3.50 25.49
N ARG A 130 5.41 2.79 25.00
CA ARG A 130 5.28 1.41 24.54
C ARG A 130 4.63 0.45 25.55
N ASN A 131 4.68 0.78 26.82
CA ASN A 131 4.11 -0.13 27.77
C ASN A 131 2.62 -0.06 27.79
N SER A 132 2.04 1.06 27.38
CA SER A 132 0.59 1.13 27.40
C SER A 132 0.10 0.82 26.01
N ALA A 133 1.07 0.67 25.12
CA ALA A 133 0.74 0.31 23.76
C ALA A 133 0.39 -1.14 24.00
N LEU A 134 1.22 -1.75 24.84
CA LEU A 134 1.10 -3.13 25.24
C LEU A 134 -0.17 -3.39 26.03
N GLN A 135 -0.29 -2.73 27.18
CA GLN A 135 -1.46 -2.91 28.01
C GLN A 135 -2.73 -2.85 27.16
N ALA A 136 -2.65 -2.27 25.97
CA ALA A 136 -3.81 -2.16 25.09
C ALA A 136 -3.81 -3.27 24.04
N GLY A 137 -2.76 -4.06 24.06
CA GLY A 137 -2.63 -5.14 23.12
C GLY A 137 -2.06 -4.68 21.79
N VAL A 138 -2.12 -3.38 21.52
CA VAL A 138 -1.61 -2.84 20.26
C VAL A 138 -0.10 -2.65 20.22
N GLY A 139 0.63 -3.35 21.07
CA GLY A 139 2.06 -3.17 21.07
C GLY A 139 2.72 -3.46 19.75
N GLN A 140 2.09 -4.29 18.92
CA GLN A 140 2.73 -4.68 17.67
C GLN A 140 2.72 -3.73 16.52
N ILE A 141 1.72 -2.84 16.48
CA ILE A 141 1.58 -1.84 15.42
C ILE A 141 2.48 -0.66 15.79
N PHE A 142 2.72 -0.57 17.10
CA PHE A 142 3.57 0.44 17.73
C PHE A 142 5.05 0.25 17.30
N ASP A 143 5.52 -0.98 17.31
CA ASP A 143 6.90 -1.26 16.90
C ASP A 143 7.04 -1.08 15.38
N ARG A 144 5.99 -1.51 14.68
CA ARG A 144 5.90 -1.42 13.22
C ARG A 144 5.96 0.04 12.83
N VAL A 145 5.23 0.89 13.53
CA VAL A 145 5.32 2.28 13.18
C VAL A 145 6.78 2.68 13.28
N LEU A 146 7.30 2.80 14.49
CA LEU A 146 8.69 3.21 14.71
C LEU A 146 9.85 2.49 13.95
N SER A 147 9.71 1.21 13.63
CA SER A 147 10.75 0.48 12.90
C SER A 147 10.57 0.52 11.38
N GLU A 148 9.36 0.25 10.90
CA GLU A 148 9.07 0.28 9.48
C GLU A 148 8.96 1.67 8.88
N LEU A 149 8.68 2.64 9.73
CA LEU A 149 8.55 4.00 9.23
C LEU A 149 9.42 4.98 9.98
N SER A 150 9.13 5.20 11.25
CA SER A 150 9.91 6.13 12.06
C SER A 150 11.40 5.86 11.94
N LEU A 151 11.80 4.62 12.21
CA LEU A 151 13.19 4.30 12.12
C LEU A 151 13.77 4.29 10.70
N LYS A 152 13.14 3.58 9.75
CA LYS A 152 13.69 3.51 8.41
C LYS A 152 13.78 4.86 7.69
N MET A 153 13.20 5.89 8.27
CA MET A 153 13.23 7.23 7.67
C MET A 153 14.46 7.92 8.24
N ARG A 154 14.76 7.51 9.47
CA ARG A 154 15.90 7.96 10.24
C ARG A 154 17.16 7.63 9.43
N THR A 155 17.37 6.35 9.19
CA THR A 155 18.49 5.90 8.42
C THR A 155 18.54 6.60 7.07
N LEU A 156 17.47 6.47 6.31
CA LEU A 156 17.39 7.08 4.97
C LEU A 156 17.71 8.56 4.93
N ARG A 157 17.68 9.18 6.10
CA ARG A 157 17.97 10.59 6.23
C ARG A 157 16.94 11.40 5.43
N VAL A 158 15.66 11.06 5.55
CA VAL A 158 14.67 11.77 4.75
C VAL A 158 14.54 13.20 5.24
N ASP A 159 14.76 14.11 4.31
CA ASP A 159 14.68 15.54 4.57
C ASP A 159 13.23 15.98 4.43
N GLN A 160 12.89 17.10 5.09
CA GLN A 160 11.53 17.66 5.10
C GLN A 160 10.90 17.91 3.73
N ALA A 161 11.74 18.17 2.73
CA ALA A 161 11.19 18.39 1.41
C ALA A 161 10.61 17.08 1.05
N GLU A 162 11.43 16.06 1.06
CA GLU A 162 10.95 14.74 0.73
C GLU A 162 9.68 14.40 1.51
N TYR A 163 9.69 14.56 2.84
CA TYR A 163 8.50 14.26 3.62
C TYR A 163 7.22 15.00 3.24
N VAL A 164 7.26 16.22 2.76
CA VAL A 164 5.98 16.83 2.38
C VAL A 164 5.55 16.37 0.97
N ALA A 165 6.54 15.88 0.21
CA ALA A 165 6.30 15.39 -1.13
C ALA A 165 5.44 14.15 -1.02
N LEU A 166 5.88 13.22 -0.15
CA LEU A 166 5.21 11.95 0.09
C LEU A 166 3.78 12.16 0.49
N LYS A 167 3.55 13.10 1.41
CA LYS A 167 2.18 13.42 1.80
C LYS A 167 1.46 13.79 0.53
N ALA A 168 1.87 14.89 -0.11
CA ALA A 168 1.24 15.33 -1.37
C ALA A 168 0.87 14.10 -2.19
N ILE A 169 1.82 13.20 -2.34
CA ILE A 169 1.60 11.94 -3.06
C ILE A 169 0.52 11.00 -2.42
N ILE A 170 0.49 10.85 -1.10
CA ILE A 170 -0.49 9.97 -0.48
C ILE A 170 -1.87 10.53 -0.58
N LEU A 171 -1.99 11.81 -0.87
CA LEU A 171 -3.32 12.40 -0.92
C LEU A 171 -3.85 12.26 -2.30
N LEU A 172 -2.98 12.57 -3.25
CA LEU A 172 -3.35 12.56 -4.62
C LEU A 172 -3.30 11.17 -5.16
N ASN A 173 -4.18 10.31 -4.67
CA ASN A 173 -4.24 8.95 -5.16
C ASN A 173 -5.37 8.82 -6.20
N PRO A 174 -5.04 8.59 -7.47
CA PRO A 174 -6.20 8.47 -8.39
C PRO A 174 -6.89 7.08 -8.28
N ASP A 175 -6.27 6.18 -7.53
CA ASP A 175 -6.75 4.85 -7.33
C ASP A 175 -7.97 4.82 -6.39
N VAL A 176 -8.32 5.95 -5.81
CA VAL A 176 -9.50 5.95 -4.94
C VAL A 176 -10.78 5.59 -5.72
N LYS A 177 -11.50 4.58 -5.25
CA LYS A 177 -12.73 4.14 -5.89
C LYS A 177 -13.74 5.28 -5.94
N GLY A 178 -14.54 5.32 -6.99
CA GLY A 178 -15.58 6.33 -7.10
C GLY A 178 -15.29 7.80 -7.37
N LEU A 179 -14.07 8.15 -7.76
CA LEU A 179 -13.73 9.54 -8.04
C LEU A 179 -14.42 9.94 -9.31
N LYS A 180 -14.93 11.15 -9.36
CA LYS A 180 -15.58 11.62 -10.58
C LYS A 180 -14.59 11.92 -11.72
N ASN A 181 -13.38 12.39 -11.42
CA ASN A 181 -12.38 12.67 -12.46
C ASN A 181 -11.00 12.09 -12.14
N ARG A 182 -10.80 10.87 -12.59
CA ARG A 182 -9.57 10.17 -12.37
C ARG A 182 -8.36 10.91 -12.91
N GLN A 183 -8.44 11.45 -14.12
CA GLN A 183 -7.31 12.16 -14.74
C GLN A 183 -6.91 13.40 -13.99
N GLU A 184 -7.89 14.17 -13.54
CA GLU A 184 -7.61 15.40 -12.80
C GLU A 184 -6.78 15.21 -11.54
N VAL A 185 -6.60 13.95 -11.10
CA VAL A 185 -5.84 13.65 -9.89
C VAL A 185 -4.63 12.82 -10.27
N GLU A 186 -4.63 12.32 -11.48
CA GLU A 186 -3.47 11.58 -11.89
C GLU A 186 -2.41 12.62 -12.22
N VAL A 187 -2.79 13.65 -12.97
CA VAL A 187 -1.86 14.68 -13.34
C VAL A 187 -1.20 15.32 -12.15
N LEU A 188 -1.97 15.67 -11.13
CA LEU A 188 -1.39 16.25 -9.93
C LEU A 188 -0.39 15.22 -9.42
N ARG A 189 -0.82 14.00 -9.09
CA ARG A 189 0.15 13.03 -8.59
C ARG A 189 1.40 12.99 -9.44
N GLU A 190 1.25 12.96 -10.75
CA GLU A 190 2.42 12.92 -11.62
C GLU A 190 3.26 14.16 -11.48
N LYS A 191 2.63 15.28 -11.22
CA LYS A 191 3.39 16.50 -11.05
C LYS A 191 4.26 16.37 -9.79
N MET A 192 3.88 15.47 -8.89
CA MET A 192 4.64 15.32 -7.66
C MET A 192 5.73 14.32 -7.78
N PHE A 193 5.64 13.43 -8.77
CA PHE A 193 6.70 12.41 -8.99
C PHE A 193 7.81 13.14 -9.71
N LEU A 194 7.41 14.03 -10.62
CA LEU A 194 8.37 14.81 -11.37
C LEU A 194 9.11 15.68 -10.37
N CYS A 195 8.39 16.32 -9.44
CA CYS A 195 9.08 17.14 -8.45
C CYS A 195 10.00 16.35 -7.56
N LEU A 196 9.49 15.24 -7.04
CA LEU A 196 10.20 14.37 -6.13
C LEU A 196 11.47 13.74 -6.69
N ASP A 197 11.41 13.39 -7.97
CA ASP A 197 12.52 12.78 -8.66
C ASP A 197 13.60 13.81 -8.93
N GLU A 198 13.19 14.96 -9.44
CA GLU A 198 14.08 16.06 -9.73
C GLU A 198 14.75 16.43 -8.43
N TYR A 199 14.00 16.94 -7.46
CA TYR A 199 14.63 17.29 -6.21
C TYR A 199 15.68 16.24 -5.84
N CYS A 200 15.26 15.00 -5.64
CA CYS A 200 16.14 13.89 -5.28
C CYS A 200 17.47 13.74 -5.99
N ARG A 201 17.57 14.23 -7.22
CA ARG A 201 18.85 14.11 -7.90
C ARG A 201 19.62 15.39 -7.61
N ARG A 202 18.96 16.53 -7.83
CA ARG A 202 19.54 17.85 -7.63
C ARG A 202 19.99 18.07 -6.17
N SER A 203 19.75 17.07 -5.33
CA SER A 203 20.13 17.11 -3.91
C SER A 203 21.17 16.04 -3.66
N ARG A 204 20.72 14.85 -3.26
CA ARG A 204 21.64 13.75 -3.02
C ARG A 204 21.87 13.01 -4.31
N SER A 205 22.41 13.74 -5.28
CA SER A 205 22.70 13.22 -6.60
C SER A 205 23.34 11.83 -6.56
N SER A 206 24.35 11.68 -5.72
CA SER A 206 25.05 10.41 -5.61
C SER A 206 24.08 9.28 -5.26
N GLU A 207 23.02 9.63 -4.53
CA GLU A 207 22.00 8.67 -4.07
C GLU A 207 21.06 8.11 -5.15
N GLU A 208 21.48 7.01 -5.76
CA GLU A 208 20.65 6.37 -6.77
C GLU A 208 19.69 5.40 -6.09
N GLY A 209 18.45 5.37 -6.56
CA GLY A 209 17.45 4.49 -5.95
C GLY A 209 16.83 5.19 -4.76
N ARG A 210 17.12 6.47 -4.62
CA ARG A 210 16.60 7.26 -3.52
C ARG A 210 15.13 7.39 -3.82
N PHE A 211 14.84 7.91 -5.01
CA PHE A 211 13.49 8.11 -5.41
C PHE A 211 12.63 6.92 -5.17
N ALA A 212 13.20 5.71 -5.26
CA ALA A 212 12.41 4.48 -5.02
C ALA A 212 12.47 4.00 -3.57
N ALA A 213 13.55 4.31 -2.88
CA ALA A 213 13.74 3.96 -1.47
C ALA A 213 12.72 4.77 -0.62
N LEU A 214 12.24 5.85 -1.20
CA LEU A 214 11.30 6.70 -0.53
C LEU A 214 9.89 6.18 -0.82
N LEU A 215 9.61 6.02 -2.11
CA LEU A 215 8.32 5.56 -2.53
C LEU A 215 7.94 4.20 -1.95
N LEU A 216 8.91 3.53 -1.32
CA LEU A 216 8.68 2.19 -0.77
C LEU A 216 8.20 2.12 0.65
N ARG A 217 8.08 3.28 1.29
CA ARG A 217 7.62 3.39 2.67
C ARG A 217 6.13 3.41 2.52
N LEU A 218 5.71 3.86 1.34
CA LEU A 218 4.32 3.93 0.98
C LEU A 218 3.58 2.61 1.04
N PRO A 219 4.16 1.49 0.61
CA PRO A 219 3.22 0.37 0.83
C PRO A 219 3.13 -0.06 2.31
N ALA A 220 4.22 0.12 3.05
CA ALA A 220 4.23 -0.22 4.48
C ALA A 220 3.28 0.75 5.22
N LEU A 221 3.42 2.03 4.92
CA LEU A 221 2.53 2.98 5.52
C LEU A 221 1.06 2.50 5.35
N ARG A 222 0.74 1.83 4.24
CA ARG A 222 -0.64 1.38 4.00
C ARG A 222 -1.03 0.17 4.79
N SER A 223 -0.11 -0.79 4.90
CA SER A 223 -0.36 -2.03 5.64
C SER A 223 -0.57 -1.62 7.04
N ILE A 224 0.34 -0.78 7.55
CA ILE A 224 0.18 -0.32 8.90
C ILE A 224 -1.10 0.48 9.03
N SER A 225 -1.48 1.13 7.96
CA SER A 225 -2.67 1.94 8.05
C SER A 225 -3.84 1.02 8.16
N LEU A 226 -3.98 0.05 7.27
CA LEU A 226 -5.13 -0.86 7.32
C LEU A 226 -5.19 -1.57 8.65
N LYS A 227 -3.99 -1.81 9.20
CA LYS A 227 -3.86 -2.50 10.46
C LYS A 227 -4.58 -1.69 11.51
N SER A 228 -4.24 -0.41 11.63
CA SER A 228 -4.84 0.47 12.60
C SER A 228 -6.31 0.46 12.55
N PHE A 229 -6.89 0.35 11.37
CA PHE A 229 -8.35 0.37 11.36
C PHE A 229 -8.90 -0.91 11.99
N GLU A 230 -8.29 -2.05 11.69
CA GLU A 230 -8.71 -3.32 12.25
C GLU A 230 -9.04 -3.00 13.71
N HIS A 231 -8.04 -2.50 14.46
CA HIS A 231 -8.20 -2.12 15.86
C HIS A 231 -9.22 -1.04 16.11
N LEU A 232 -9.13 0.03 15.37
CA LEU A 232 -10.05 1.12 15.59
C LEU A 232 -11.48 0.69 15.52
N PHE A 233 -11.87 -0.09 14.52
CA PHE A 233 -13.26 -0.53 14.42
C PHE A 233 -13.53 -1.55 15.52
N PHE A 234 -12.52 -2.33 15.86
CA PHE A 234 -12.69 -3.31 16.91
C PHE A 234 -13.32 -2.69 18.13
N PHE A 235 -12.67 -1.67 18.70
CA PHE A 235 -13.20 -1.01 19.90
C PHE A 235 -14.27 0.01 19.62
N HIS A 236 -14.77 0.06 18.40
CA HIS A 236 -15.83 1.00 18.04
C HIS A 236 -15.43 2.46 18.27
N LEU A 237 -14.18 2.79 17.94
CA LEU A 237 -13.67 4.13 18.14
C LEU A 237 -13.96 5.04 16.99
N VAL A 238 -13.82 4.52 15.78
CA VAL A 238 -14.06 5.23 14.50
C VAL A 238 -15.52 5.34 14.17
N ALA A 239 -15.89 6.40 13.49
CA ALA A 239 -17.28 6.62 13.09
C ALA A 239 -17.32 6.95 11.59
N ASP A 240 -16.84 6.03 10.76
CA ASP A 240 -16.74 6.25 9.30
C ASP A 240 -18.00 6.72 8.59
N THR A 241 -19.15 6.47 9.20
CA THR A 241 -20.39 6.93 8.59
C THR A 241 -20.36 8.44 8.39
N SER A 242 -20.33 9.17 9.50
CA SER A 242 -20.29 10.64 9.43
C SER A 242 -19.04 11.30 8.78
N ILE A 243 -17.93 10.57 8.70
CA ILE A 243 -16.73 11.14 8.13
C ILE A 243 -16.96 12.02 6.91
N ALA A 244 -17.46 11.44 5.81
CA ALA A 244 -17.62 12.25 4.60
C ALA A 244 -18.30 13.56 4.93
N GLY A 245 -19.49 13.50 5.55
CA GLY A 245 -20.19 14.71 5.95
C GLY A 245 -19.24 15.68 6.66
N TYR A 246 -18.53 15.21 7.70
CA TYR A 246 -17.57 16.03 8.46
C TYR A 246 -16.54 16.64 7.57
N ILE A 247 -15.94 15.81 6.72
CA ILE A 247 -14.93 16.33 5.82
C ILE A 247 -15.59 17.42 4.99
N ARG A 248 -16.71 17.06 4.34
CA ARG A 248 -17.52 17.92 3.48
C ARG A 248 -17.73 19.28 4.07
N ASP A 249 -18.09 19.24 5.36
CA ASP A 249 -18.35 20.42 6.18
C ASP A 249 -17.07 21.20 6.33
N ALA A 250 -16.01 20.52 6.75
CA ALA A 250 -14.71 21.13 6.97
C ALA A 250 -14.11 21.80 5.76
N LEU A 251 -14.23 21.19 4.61
CA LEU A 251 -13.66 21.85 3.47
C LEU A 251 -14.14 23.28 3.47
N ARG A 252 -15.46 23.44 3.56
CA ARG A 252 -16.16 24.74 3.57
C ARG A 252 -16.29 25.40 4.98
N VAL B 20 22.25 8.52 -19.67
CA VAL B 20 21.26 7.57 -20.26
C VAL B 20 21.89 6.18 -20.40
N PRO B 21 22.60 5.72 -19.36
CA PRO B 21 23.26 4.40 -19.36
C PRO B 21 22.34 3.26 -19.78
N PRO B 22 22.74 2.47 -20.77
CA PRO B 22 21.87 1.35 -21.16
C PRO B 22 22.08 0.30 -20.09
N LEU B 23 21.27 -0.74 -20.10
CA LEU B 23 21.37 -1.80 -19.12
C LEU B 23 22.73 -2.45 -19.19
N THR B 24 23.23 -2.92 -18.07
CA THR B 24 24.52 -3.58 -18.07
C THR B 24 24.29 -4.80 -18.95
N ALA B 25 25.15 -5.79 -18.86
CA ALA B 25 24.92 -7.00 -19.62
C ALA B 25 24.16 -7.90 -18.65
N ASN B 26 24.48 -7.77 -17.35
CA ASN B 26 23.81 -8.57 -16.35
C ASN B 26 22.37 -8.09 -16.19
N GLN B 27 22.14 -6.78 -16.39
CA GLN B 27 20.76 -6.28 -16.30
C GLN B 27 20.03 -6.80 -17.51
N LYS B 28 20.60 -6.56 -18.70
CA LYS B 28 19.97 -7.01 -19.93
C LYS B 28 19.62 -8.50 -19.85
N SER B 29 20.60 -9.27 -19.43
CA SER B 29 20.39 -10.69 -19.31
C SER B 29 19.29 -11.09 -18.31
N LEU B 30 19.14 -10.27 -17.27
CA LEU B 30 18.16 -10.55 -16.23
C LEU B 30 16.77 -10.40 -16.75
N ILE B 31 16.51 -9.28 -17.43
CA ILE B 31 15.19 -8.99 -17.98
C ILE B 31 14.78 -10.14 -18.86
N ALA B 32 15.78 -10.69 -19.56
CA ALA B 32 15.63 -11.81 -20.49
C ALA B 32 15.17 -13.12 -19.80
N ARG B 33 15.91 -13.47 -18.76
CA ARG B 33 15.65 -14.66 -17.99
C ARG B 33 14.26 -14.65 -17.44
N LEU B 34 13.74 -13.47 -17.15
CA LEU B 34 12.41 -13.34 -16.57
C LEU B 34 11.19 -13.30 -17.49
N VAL B 35 11.32 -12.65 -18.63
CA VAL B 35 10.19 -12.58 -19.55
C VAL B 35 9.88 -14.00 -19.97
N TYR B 36 10.93 -14.65 -20.48
CA TYR B 36 10.86 -16.01 -20.94
C TYR B 36 10.39 -16.93 -19.82
N TYR B 37 11.07 -16.90 -18.68
CA TYR B 37 10.72 -17.71 -17.52
C TYR B 37 9.47 -17.21 -16.76
N GLN B 38 8.43 -16.80 -17.50
CA GLN B 38 7.18 -16.31 -16.90
C GLN B 38 6.07 -16.87 -17.74
N GLU B 39 6.27 -16.84 -19.05
CA GLU B 39 5.30 -17.39 -19.97
C GLU B 39 5.09 -18.86 -19.58
N GLY B 40 6.18 -19.51 -19.18
CA GLY B 40 6.14 -20.91 -18.78
C GLY B 40 5.10 -21.21 -17.72
N TYR B 41 5.13 -20.42 -16.65
CA TYR B 41 4.17 -20.56 -15.56
C TYR B 41 2.97 -19.73 -15.93
N GLU B 42 2.68 -19.70 -17.22
CA GLU B 42 1.55 -18.95 -17.70
C GLU B 42 0.40 -19.37 -16.80
N GLN B 43 0.06 -18.49 -15.86
CA GLN B 43 -1.00 -18.78 -14.90
C GLN B 43 -2.09 -19.67 -15.48
N PRO B 44 -2.78 -19.22 -16.55
CA PRO B 44 -3.81 -20.14 -17.07
C PRO B 44 -3.16 -21.51 -17.28
N SER B 45 -3.35 -22.40 -16.30
CA SER B 45 -2.78 -23.73 -16.32
C SER B 45 -3.76 -24.75 -16.90
N GLU B 46 -3.22 -25.78 -17.55
CA GLU B 46 -4.02 -26.83 -18.18
C GLU B 46 -4.19 -28.06 -17.29
N GLU B 47 -3.29 -28.24 -16.33
CA GLU B 47 -3.34 -29.36 -15.42
C GLU B 47 -4.74 -29.60 -14.83
N ASP B 48 -5.68 -28.72 -15.14
CA ASP B 48 -7.05 -28.85 -14.65
C ASP B 48 -7.63 -30.21 -15.02
N LEU B 49 -7.74 -31.08 -14.02
CA LEU B 49 -8.27 -32.42 -14.22
C LEU B 49 -9.21 -32.79 -13.08
N LYS B 50 -10.23 -31.98 -12.84
CA LYS B 50 -11.21 -32.26 -11.80
C LYS B 50 -12.03 -33.45 -12.33
N ARG B 51 -11.40 -34.62 -12.39
CA ARG B 51 -12.04 -35.83 -12.90
C ARG B 51 -13.05 -36.41 -11.90
N ASP B 66 -24.09 -27.35 -2.53
CA ASP B 66 -23.05 -26.28 -2.47
C ASP B 66 -23.17 -25.29 -3.63
N MET B 67 -22.27 -24.31 -3.64
CA MET B 67 -22.20 -23.30 -4.69
C MET B 67 -20.84 -23.59 -5.36
N PRO B 68 -20.70 -23.32 -6.67
CA PRO B 68 -19.45 -23.55 -7.43
C PRO B 68 -18.21 -22.89 -6.85
N PHE B 69 -18.34 -22.47 -5.60
CA PHE B 69 -17.29 -21.85 -4.82
C PHE B 69 -16.06 -22.72 -4.98
N ARG B 70 -16.26 -23.97 -5.40
CA ARG B 70 -15.17 -24.91 -5.60
C ARG B 70 -14.31 -24.59 -6.84
N GLN B 71 -14.93 -23.98 -7.85
CA GLN B 71 -14.20 -23.61 -9.06
C GLN B 71 -13.19 -22.53 -8.70
N ILE B 72 -13.74 -21.38 -8.29
CA ILE B 72 -12.99 -20.22 -7.84
C ILE B 72 -11.83 -20.73 -7.01
N THR B 73 -12.19 -21.55 -6.02
CA THR B 73 -11.29 -22.17 -5.05
C THR B 73 -10.24 -23.13 -5.56
N GLU B 74 -10.64 -24.05 -6.44
CA GLU B 74 -9.66 -25.00 -6.95
C GLU B 74 -8.65 -24.20 -7.77
N MET B 75 -9.17 -23.47 -8.75
CA MET B 75 -8.34 -22.64 -9.60
C MET B 75 -7.26 -22.04 -8.72
N THR B 76 -7.67 -21.09 -7.88
CA THR B 76 -6.77 -20.37 -6.97
C THR B 76 -5.61 -21.21 -6.50
N ILE B 77 -5.93 -22.44 -6.15
CA ILE B 77 -4.95 -23.37 -5.65
C ILE B 77 -3.82 -23.59 -6.67
N LEU B 78 -4.20 -24.06 -7.86
CA LEU B 78 -3.25 -24.31 -8.94
C LEU B 78 -2.43 -23.06 -9.13
N THR B 79 -3.16 -21.96 -9.30
CA THR B 79 -2.60 -20.66 -9.52
C THR B 79 -1.53 -20.38 -8.44
N VAL B 80 -1.94 -20.32 -7.19
CA VAL B 80 -0.98 -20.07 -6.13
C VAL B 80 0.21 -20.98 -6.34
N GLN B 81 -0.06 -22.22 -6.76
CA GLN B 81 0.99 -23.22 -6.96
C GLN B 81 2.08 -22.90 -7.94
N LEU B 82 1.74 -22.22 -9.03
CA LEU B 82 2.74 -21.83 -10.03
C LEU B 82 3.50 -20.67 -9.45
N ILE B 83 2.74 -19.77 -8.84
CA ILE B 83 3.30 -18.59 -8.21
C ILE B 83 4.44 -18.94 -7.26
N VAL B 84 4.25 -20.00 -6.47
CA VAL B 84 5.28 -20.41 -5.54
C VAL B 84 6.51 -20.91 -6.27
N GLU B 85 6.26 -21.50 -7.43
CA GLU B 85 7.32 -22.01 -8.28
C GLU B 85 8.04 -20.87 -8.98
N PHE B 86 7.26 -19.91 -9.49
CA PHE B 86 7.82 -18.74 -10.15
C PHE B 86 8.68 -18.10 -9.09
N ALA B 87 8.14 -18.01 -7.88
CA ALA B 87 8.81 -17.42 -6.73
C ALA B 87 10.18 -18.08 -6.41
N LYS B 88 10.52 -19.13 -7.13
CA LYS B 88 11.78 -19.82 -6.86
C LYS B 88 12.84 -19.54 -7.90
N GLY B 89 12.65 -19.98 -9.14
CA GLY B 89 13.64 -19.76 -10.21
C GLY B 89 14.15 -18.33 -10.32
N LEU B 90 13.78 -17.54 -9.33
CA LEU B 90 14.11 -16.15 -9.24
C LEU B 90 15.47 -15.83 -8.66
N PRO B 91 16.31 -15.19 -9.47
CA PRO B 91 17.67 -14.79 -9.13
C PRO B 91 17.81 -14.11 -7.78
N GLY B 92 17.36 -14.83 -6.76
CA GLY B 92 17.47 -14.25 -5.41
C GLY B 92 17.28 -15.30 -4.32
N PHE B 93 16.06 -15.84 -4.30
CA PHE B 93 15.59 -16.85 -3.34
C PHE B 93 16.61 -17.74 -2.61
N SER B 94 17.04 -18.81 -3.28
CA SER B 94 18.02 -19.66 -2.62
C SER B 94 18.84 -18.79 -1.63
N LYS B 95 19.43 -17.65 -2.04
CA LYS B 95 20.19 -16.80 -1.12
C LYS B 95 19.48 -16.61 0.25
N ILE B 96 18.22 -16.18 0.21
CA ILE B 96 17.44 -16.03 1.46
C ILE B 96 17.44 -17.41 2.19
N SER B 97 17.28 -17.33 3.54
CA SER B 97 17.13 -18.57 4.35
C SER B 97 15.95 -19.46 3.87
N GLN B 98 15.85 -20.57 4.60
CA GLN B 98 14.76 -21.54 4.47
C GLN B 98 13.53 -20.85 5.13
N SER B 99 13.16 -21.19 6.36
CA SER B 99 12.00 -20.56 7.03
C SER B 99 11.78 -19.05 6.81
N ASP B 100 12.85 -18.32 6.56
CA ASP B 100 12.69 -16.88 6.32
C ASP B 100 11.89 -16.75 5.05
N GLN B 101 12.39 -17.35 3.96
CA GLN B 101 11.69 -17.27 2.69
C GLN B 101 10.23 -17.65 2.77
N ILE B 102 9.90 -18.80 3.35
CA ILE B 102 8.48 -19.16 3.47
C ILE B 102 7.58 -18.01 4.02
N THR B 103 8.21 -16.96 4.59
CA THR B 103 7.46 -15.82 5.11
C THR B 103 7.16 -15.00 3.86
N LEU B 104 8.18 -14.83 3.03
CA LEU B 104 8.04 -14.09 1.80
C LEU B 104 6.92 -14.59 0.90
N LEU B 105 6.63 -15.89 0.94
CA LEU B 105 5.59 -16.47 0.08
C LEU B 105 4.16 -16.32 0.60
N LYS B 106 4.02 -16.33 1.91
CA LYS B 106 2.71 -16.21 2.51
C LYS B 106 2.13 -14.85 2.19
N ALA B 107 3.00 -13.84 2.25
CA ALA B 107 2.63 -12.43 1.97
C ALA B 107 2.55 -12.26 0.45
N CYS B 108 3.72 -12.36 -0.16
CA CYS B 108 3.87 -12.24 -1.59
C CYS B 108 2.80 -12.95 -2.44
N SER B 109 2.48 -14.21 -2.12
CA SER B 109 1.52 -14.99 -2.91
C SER B 109 0.13 -14.44 -3.14
N SER B 110 -0.55 -14.01 -2.06
CA SER B 110 -1.92 -13.48 -2.23
C SER B 110 -1.94 -12.23 -3.09
N GLU B 111 -0.96 -11.34 -2.89
CA GLU B 111 -0.88 -10.12 -3.67
C GLU B 111 -0.56 -10.51 -5.09
N VAL B 112 0.60 -11.12 -5.32
CA VAL B 112 1.02 -11.47 -6.67
C VAL B 112 -0.03 -12.20 -7.50
N MET B 113 -0.99 -12.83 -6.85
CA MET B 113 -2.02 -13.53 -7.60
C MET B 113 -2.97 -12.51 -8.26
N MET B 114 -3.23 -11.40 -7.57
CA MET B 114 -4.07 -10.35 -8.10
C MET B 114 -3.40 -9.84 -9.37
N LEU B 115 -2.08 -9.73 -9.35
CA LEU B 115 -1.34 -9.26 -10.53
C LEU B 115 -1.58 -10.13 -11.78
N ARG B 116 -1.54 -11.46 -11.59
CA ARG B 116 -1.76 -12.42 -12.66
C ARG B 116 -3.21 -12.38 -13.09
N VAL B 117 -4.15 -12.29 -12.16
CA VAL B 117 -5.51 -12.26 -12.64
C VAL B 117 -5.70 -10.96 -13.39
N ALA B 118 -5.32 -9.86 -12.77
CA ALA B 118 -5.39 -8.51 -13.37
C ALA B 118 -4.70 -8.36 -14.75
N ARG B 119 -3.63 -9.09 -14.98
CA ARG B 119 -2.96 -9.01 -16.28
C ARG B 119 -3.90 -9.43 -17.43
N ARG B 120 -4.99 -10.12 -17.10
CA ARG B 120 -5.91 -10.66 -18.10
C ARG B 120 -7.17 -9.85 -18.45
N TYR B 121 -7.51 -8.90 -17.63
CA TYR B 121 -8.71 -8.11 -17.83
C TYR B 121 -8.98 -7.63 -19.24
N ASP B 122 -9.96 -8.20 -19.94
CA ASP B 122 -10.25 -7.73 -21.33
C ASP B 122 -11.05 -6.43 -21.31
N ALA B 123 -10.52 -5.43 -21.99
CA ALA B 123 -11.16 -4.13 -22.02
C ALA B 123 -12.54 -4.15 -22.66
N ALA B 124 -12.63 -4.84 -23.79
CA ALA B 124 -13.84 -4.98 -24.61
C ALA B 124 -15.14 -5.35 -23.89
N THR B 125 -15.03 -6.33 -23.00
CA THR B 125 -16.13 -6.89 -22.22
C THR B 125 -16.14 -6.43 -20.76
N ASP B 126 -14.97 -6.00 -20.27
CA ASP B 126 -14.83 -5.48 -18.91
C ASP B 126 -14.86 -6.66 -17.96
N SER B 127 -13.97 -7.62 -18.18
CA SER B 127 -13.98 -8.78 -17.32
C SER B 127 -12.69 -9.55 -17.37
N VAL B 128 -12.44 -10.37 -16.37
CA VAL B 128 -11.20 -11.14 -16.43
C VAL B 128 -11.39 -12.36 -17.35
N LEU B 129 -10.49 -12.54 -18.29
CA LEU B 129 -10.60 -13.69 -19.17
C LEU B 129 -9.45 -14.61 -18.87
N PHE B 130 -9.60 -15.34 -17.76
CA PHE B 130 -8.64 -16.32 -17.27
C PHE B 130 -9.03 -17.62 -17.96
N ALA B 131 -8.72 -17.72 -19.27
CA ALA B 131 -9.10 -18.88 -20.12
C ALA B 131 -10.61 -19.00 -19.84
N ASN B 132 -11.17 -17.84 -19.46
CA ASN B 132 -12.56 -17.62 -19.06
C ASN B 132 -13.21 -18.87 -18.55
N ASN B 133 -12.45 -19.60 -17.76
CA ASN B 133 -13.00 -20.79 -17.18
C ASN B 133 -14.09 -20.20 -16.29
N GLN B 134 -14.89 -21.05 -15.65
CA GLN B 134 -15.94 -20.52 -14.79
C GLN B 134 -15.21 -19.98 -13.58
N ALA B 135 -13.89 -19.96 -13.74
CA ALA B 135 -12.94 -19.47 -12.77
C ALA B 135 -13.51 -18.29 -11.99
N TYR B 136 -13.16 -17.07 -12.39
CA TYR B 136 -13.63 -15.88 -11.70
C TYR B 136 -14.37 -14.96 -12.63
N THR B 137 -15.68 -14.86 -12.43
CA THR B 137 -16.52 -14.02 -13.27
C THR B 137 -17.55 -13.31 -12.39
N ARG B 138 -18.13 -12.22 -12.88
CA ARG B 138 -19.07 -11.50 -12.07
C ARG B 138 -20.19 -12.43 -11.64
N ASP B 139 -20.36 -13.53 -12.39
CA ASP B 139 -21.40 -14.53 -12.13
C ASP B 139 -21.08 -15.50 -10.99
N ASN B 140 -20.22 -16.49 -11.24
CA ASN B 140 -19.86 -17.42 -10.17
C ASN B 140 -19.72 -16.65 -8.86
N TYR B 141 -18.83 -15.67 -8.86
CA TYR B 141 -18.61 -14.85 -7.68
C TYR B 141 -19.95 -14.40 -7.07
N ARG B 142 -20.92 -14.05 -7.91
CA ARG B 142 -22.22 -13.61 -7.38
C ARG B 142 -23.01 -14.75 -6.78
N LYS B 143 -23.00 -15.91 -7.46
CA LYS B 143 -23.73 -17.11 -7.03
C LYS B 143 -23.17 -17.61 -5.71
N ALA B 144 -21.85 -17.56 -5.57
CA ALA B 144 -21.20 -18.02 -4.35
C ALA B 144 -21.19 -16.97 -3.24
N GLY B 145 -22.19 -16.10 -3.27
CA GLY B 145 -22.34 -15.08 -2.25
C GLY B 145 -21.21 -14.14 -1.88
N MET B 146 -20.30 -13.89 -2.82
CA MET B 146 -19.19 -12.97 -2.60
C MET B 146 -19.42 -11.80 -3.56
N ALA B 147 -20.67 -11.43 -3.72
CA ALA B 147 -21.11 -10.36 -4.61
C ALA B 147 -20.23 -9.11 -4.72
N TYR B 148 -19.99 -8.49 -3.56
CA TYR B 148 -19.22 -7.26 -3.43
C TYR B 148 -17.77 -7.38 -3.90
N VAL B 149 -17.18 -8.57 -3.75
CA VAL B 149 -15.78 -8.77 -4.11
C VAL B 149 -15.37 -8.65 -5.56
N ILE B 150 -15.99 -9.42 -6.45
CA ILE B 150 -15.58 -9.28 -7.82
C ILE B 150 -15.57 -7.81 -8.22
N GLU B 151 -16.53 -7.04 -7.72
CA GLU B 151 -16.59 -5.63 -8.06
C GLU B 151 -15.23 -4.96 -7.84
N ASP B 152 -14.70 -5.11 -6.64
CA ASP B 152 -13.42 -4.54 -6.26
C ASP B 152 -12.26 -5.07 -7.06
N LEU B 153 -12.24 -6.36 -7.33
CA LEU B 153 -11.15 -6.92 -8.10
C LEU B 153 -11.03 -6.14 -9.41
N LEU B 154 -12.14 -6.06 -10.13
CA LEU B 154 -12.24 -5.38 -11.42
C LEU B 154 -11.86 -3.91 -11.45
N HIS B 155 -12.04 -3.22 -10.33
CA HIS B 155 -11.68 -1.81 -10.21
C HIS B 155 -10.19 -1.76 -10.36
N PHE B 156 -9.52 -2.49 -9.49
CA PHE B 156 -8.08 -2.57 -9.57
C PHE B 156 -7.72 -3.17 -10.92
N CYS B 157 -8.64 -3.77 -11.63
CA CYS B 157 -8.21 -4.31 -12.91
C CYS B 157 -8.19 -3.21 -13.92
N ARG B 158 -9.19 -2.36 -13.93
CA ARG B 158 -9.18 -1.29 -14.89
C ARG B 158 -7.95 -0.49 -14.58
N CYS B 159 -7.78 -0.15 -13.31
CA CYS B 159 -6.64 0.61 -12.87
C CYS B 159 -5.33 0.16 -13.36
N MET B 160 -5.05 -1.13 -13.30
CA MET B 160 -3.77 -1.60 -13.77
C MET B 160 -3.72 -1.63 -15.28
N TYR B 161 -4.84 -1.90 -15.91
CA TYR B 161 -4.87 -1.94 -17.34
C TYR B 161 -4.60 -0.59 -17.97
N SER B 162 -4.81 0.47 -17.22
CA SER B 162 -4.62 1.81 -17.76
C SER B 162 -3.16 2.25 -17.92
N MET B 163 -2.25 1.69 -17.13
CA MET B 163 -0.84 2.08 -17.20
C MET B 163 -0.06 1.51 -18.34
N MET B 164 -0.69 0.59 -19.06
CA MET B 164 -0.06 -0.04 -20.19
C MET B 164 1.33 -0.60 -19.89
N MET B 165 1.47 -1.49 -18.91
CA MET B 165 2.78 -2.04 -18.63
C MET B 165 3.29 -2.99 -19.73
N ASP B 166 4.61 -3.08 -19.86
CA ASP B 166 5.36 -3.94 -20.81
C ASP B 166 5.17 -5.39 -20.38
N ASN B 167 6.19 -6.19 -20.61
CA ASN B 167 6.12 -7.55 -20.13
C ASN B 167 7.26 -7.57 -19.16
N VAL B 168 8.18 -6.62 -19.38
CA VAL B 168 9.35 -6.44 -18.51
C VAL B 168 8.84 -5.76 -17.23
N HIS B 169 7.99 -4.74 -17.44
CA HIS B 169 7.37 -3.95 -16.38
C HIS B 169 6.82 -4.98 -15.44
N TYR B 170 5.78 -5.63 -15.91
CA TYR B 170 5.13 -6.69 -15.14
C TYR B 170 6.07 -7.74 -14.51
N ALA B 171 7.00 -8.31 -15.25
CA ALA B 171 7.91 -9.31 -14.67
C ALA B 171 8.62 -8.70 -13.46
N LEU B 172 9.50 -7.76 -13.74
CA LEU B 172 10.23 -7.05 -12.73
C LEU B 172 9.29 -6.70 -11.57
N LEU B 173 8.11 -6.19 -11.91
CA LEU B 173 7.16 -5.81 -10.88
C LEU B 173 6.89 -7.02 -10.01
N THR B 174 6.53 -8.15 -10.61
CA THR B 174 6.25 -9.32 -9.79
C THR B 174 7.41 -9.57 -8.84
N ALA B 175 8.62 -9.63 -9.36
CA ALA B 175 9.76 -9.88 -8.48
C ALA B 175 9.85 -8.88 -7.35
N ILE B 176 9.77 -7.58 -7.66
CA ILE B 176 9.89 -6.55 -6.63
C ILE B 176 8.87 -6.74 -5.52
N VAL B 177 7.82 -7.49 -5.82
CA VAL B 177 6.77 -7.78 -4.83
C VAL B 177 7.16 -9.00 -3.99
N ILE B 178 7.84 -9.97 -4.59
CA ILE B 178 8.30 -11.11 -3.87
C ILE B 178 9.23 -10.62 -2.78
N PHE B 179 10.25 -9.86 -3.17
CA PHE B 179 11.23 -9.30 -2.23
C PHE B 179 10.82 -8.01 -1.47
N SER B 180 9.54 -7.69 -1.56
CA SER B 180 8.97 -6.57 -0.84
C SER B 180 9.22 -6.98 0.62
N ASP B 181 9.65 -6.04 1.46
CA ASP B 181 9.94 -6.30 2.88
C ASP B 181 8.78 -6.66 3.81
N ARG B 182 8.71 -7.92 4.24
CA ARG B 182 7.60 -8.36 5.10
C ARG B 182 7.89 -8.27 6.58
N PRO B 183 6.85 -8.37 7.41
CA PRO B 183 7.10 -8.28 8.85
C PRO B 183 7.59 -9.64 9.35
N GLY B 184 8.70 -9.65 10.08
CA GLY B 184 9.22 -10.91 10.58
C GLY B 184 10.28 -11.61 9.73
N LEU B 185 11.06 -10.83 9.00
CA LEU B 185 12.07 -11.43 8.16
C LEU B 185 13.34 -11.45 8.91
N GLU B 186 13.97 -12.64 8.98
CA GLU B 186 15.26 -12.85 9.67
C GLU B 186 16.25 -11.74 9.42
N GLN B 187 16.70 -11.62 8.17
CA GLN B 187 17.64 -10.55 7.80
C GLN B 187 16.96 -9.74 6.71
N PRO B 188 16.15 -8.77 7.10
CA PRO B 188 15.48 -8.00 6.08
C PRO B 188 16.46 -7.18 5.24
N SER B 189 17.65 -6.99 5.76
CA SER B 189 18.68 -6.25 5.06
C SER B 189 19.07 -6.96 3.75
N LEU B 190 18.88 -8.29 3.72
CA LEU B 190 19.21 -9.16 2.59
C LEU B 190 18.12 -9.01 1.53
N VAL B 191 16.90 -9.41 1.91
CA VAL B 191 15.78 -9.33 1.03
C VAL B 191 15.75 -7.92 0.48
N GLU B 192 16.32 -6.95 1.16
CA GLU B 192 16.31 -5.57 0.68
C GLU B 192 17.35 -5.15 -0.35
N GLU B 193 18.46 -5.89 -0.49
CA GLU B 193 19.53 -5.57 -1.47
C GLU B 193 19.23 -6.31 -2.77
N ILE B 194 18.49 -7.40 -2.60
CA ILE B 194 18.04 -8.21 -3.70
C ILE B 194 17.01 -7.34 -4.36
N GLN B 195 15.85 -7.22 -3.71
CA GLN B 195 14.75 -6.43 -4.24
C GLN B 195 15.20 -5.13 -4.86
N ARG B 196 16.31 -4.58 -4.38
CA ARG B 196 16.83 -3.30 -4.93
C ARG B 196 17.54 -3.52 -6.25
N TYR B 197 18.03 -4.74 -6.43
CA TYR B 197 18.72 -5.08 -7.64
C TYR B 197 17.60 -4.96 -8.66
N TYR B 198 16.60 -5.84 -8.57
CA TYR B 198 15.46 -5.74 -9.45
C TYR B 198 15.08 -4.26 -9.63
N LEU B 199 14.70 -3.60 -8.54
CA LEU B 199 14.32 -2.20 -8.56
C LEU B 199 15.17 -1.31 -9.41
N ASN B 200 16.46 -1.57 -9.52
CA ASN B 200 17.26 -0.65 -10.34
C ASN B 200 17.15 -0.92 -11.85
N THR B 201 16.97 -2.19 -12.18
CA THR B 201 16.84 -2.63 -13.54
C THR B 201 15.62 -2.07 -14.18
N LEU B 202 14.49 -2.08 -13.46
CA LEU B 202 13.22 -1.58 -13.97
C LEU B 202 13.28 -0.08 -14.15
N ARG B 203 14.21 0.55 -13.46
CA ARG B 203 14.37 1.98 -13.55
C ARG B 203 15.19 2.29 -14.78
N VAL B 204 16.33 1.64 -14.89
CA VAL B 204 17.24 1.79 -16.04
C VAL B 204 16.56 1.39 -17.35
N TYR B 205 15.65 0.44 -17.22
CA TYR B 205 14.90 -0.09 -18.32
C TYR B 205 13.95 0.99 -18.73
N ILE B 206 13.00 1.33 -17.88
CA ILE B 206 12.05 2.37 -18.29
C ILE B 206 12.78 3.65 -18.71
N LEU B 207 14.04 3.79 -18.32
CA LEU B 207 14.85 4.97 -18.64
C LEU B 207 15.26 5.06 -20.07
N ASN B 208 15.79 3.96 -20.57
CA ASN B 208 16.24 3.87 -21.95
C ASN B 208 14.97 3.82 -22.75
N GLN B 209 14.05 2.95 -22.36
CA GLN B 209 12.82 2.81 -23.10
C GLN B 209 12.23 4.21 -23.36
N ASN B 210 12.47 5.14 -22.45
CA ASN B 210 11.97 6.51 -22.63
C ASN B 210 13.03 7.56 -22.97
N SER B 211 14.20 7.09 -23.42
CA SER B 211 15.31 7.93 -23.83
C SER B 211 15.55 9.18 -22.96
N ALA B 212 15.89 8.92 -21.71
CA ALA B 212 16.21 9.97 -20.75
C ALA B 212 15.25 11.13 -20.56
N SER B 213 14.02 11.05 -21.06
CA SER B 213 13.07 12.14 -20.85
C SER B 213 12.73 12.14 -19.37
N PRO B 214 11.94 13.12 -18.88
CA PRO B 214 11.63 13.08 -17.44
C PRO B 214 10.44 12.16 -17.13
N ARG B 215 9.50 12.05 -18.08
CA ARG B 215 8.35 11.16 -17.92
C ARG B 215 8.76 9.88 -17.19
N SER B 216 9.90 9.31 -17.54
CA SER B 216 10.41 8.10 -16.90
C SER B 216 10.09 7.99 -15.39
N ALA B 217 10.52 8.96 -14.59
CA ALA B 217 10.24 8.94 -13.14
C ALA B 217 8.76 8.75 -12.86
N VAL B 218 7.92 9.40 -13.64
CA VAL B 218 6.47 9.26 -13.48
C VAL B 218 6.02 7.82 -13.75
N ILE B 219 6.57 7.24 -14.83
CA ILE B 219 6.24 5.90 -15.26
C ILE B 219 6.67 4.94 -14.20
N PHE B 220 7.88 5.17 -13.73
CA PHE B 220 8.52 4.38 -12.69
C PHE B 220 7.70 4.56 -11.43
N GLY B 221 7.31 5.80 -11.18
CA GLY B 221 6.52 6.07 -10.00
C GLY B 221 5.21 5.32 -9.93
N LYS B 222 4.39 5.44 -10.98
CA LYS B 222 3.10 4.77 -11.07
C LYS B 222 3.23 3.27 -10.84
N ILE B 223 4.38 2.70 -11.19
CA ILE B 223 4.59 1.27 -10.96
C ILE B 223 4.76 1.06 -9.45
N LEU B 224 5.76 1.62 -8.83
CA LEU B 224 5.86 1.40 -7.39
C LEU B 224 4.52 1.75 -6.76
N GLY B 225 3.77 2.60 -7.44
CA GLY B 225 2.50 3.06 -6.92
C GLY B 225 1.52 1.93 -6.79
N ILE B 226 1.72 0.87 -7.56
CA ILE B 226 0.82 -0.31 -7.52
C ILE B 226 1.11 -1.07 -6.24
N LEU B 227 2.37 -1.40 -6.04
CA LEU B 227 2.86 -2.08 -4.87
C LEU B 227 2.08 -1.61 -3.62
N THR B 228 1.82 -0.32 -3.48
CA THR B 228 1.03 0.05 -2.32
C THR B 228 -0.47 -0.42 -2.37
N GLU B 229 -1.10 -0.41 -3.55
CA GLU B 229 -2.52 -0.85 -3.65
C GLU B 229 -2.74 -2.38 -3.62
N ILE B 230 -1.69 -3.10 -3.97
CA ILE B 230 -1.64 -4.54 -3.99
C ILE B 230 -1.70 -4.98 -2.51
N ARG B 231 -1.27 -4.13 -1.58
CA ARG B 231 -1.30 -4.48 -0.15
C ARG B 231 -2.67 -4.45 0.43
N THR B 232 -3.52 -3.54 -0.03
CA THR B 232 -4.89 -3.47 0.51
C THR B 232 -5.68 -4.68 0.08
N LEU B 233 -5.53 -5.03 -1.20
CA LEU B 233 -6.23 -6.16 -1.82
C LEU B 233 -5.73 -7.43 -1.22
N GLY B 234 -4.44 -7.47 -0.96
CA GLY B 234 -3.87 -8.67 -0.37
C GLY B 234 -4.48 -8.87 1.00
N MET B 235 -4.64 -7.79 1.74
CA MET B 235 -5.18 -7.91 3.08
C MET B 235 -6.68 -8.00 3.06
N GLN B 236 -7.30 -7.37 2.08
CA GLN B 236 -8.74 -7.44 2.00
C GLN B 236 -9.07 -8.94 1.87
N ASN B 237 -8.11 -9.67 1.34
CA ASN B 237 -8.18 -11.11 1.11
C ASN B 237 -8.24 -11.91 2.44
N SER B 238 -7.13 -11.88 3.17
CA SER B 238 -7.03 -12.55 4.48
C SER B 238 -8.31 -12.34 5.26
N ASN B 239 -8.78 -11.11 5.33
CA ASN B 239 -10.01 -10.85 6.05
C ASN B 239 -11.18 -11.60 5.39
N MET B 240 -11.01 -12.05 4.14
CA MET B 240 -12.09 -12.81 3.47
C MET B 240 -12.06 -14.26 3.85
N CYS B 241 -10.87 -14.85 3.88
CA CYS B 241 -10.77 -16.23 4.33
C CYS B 241 -11.44 -16.17 5.70
N ILE B 242 -10.84 -15.42 6.63
CA ILE B 242 -11.41 -15.29 7.98
C ILE B 242 -12.94 -15.21 7.99
N SER B 243 -13.56 -14.53 7.03
CA SER B 243 -15.01 -14.48 7.05
C SER B 243 -15.65 -15.78 6.63
N LEU B 244 -15.12 -16.41 5.58
CA LEU B 244 -15.66 -17.67 5.09
C LEU B 244 -15.35 -18.74 6.09
N LYS B 245 -14.20 -18.63 6.75
CA LYS B 245 -13.84 -19.61 7.74
C LYS B 245 -14.85 -19.72 8.89
N LEU B 246 -15.31 -18.59 9.42
CA LEU B 246 -16.28 -18.66 10.51
C LEU B 246 -17.70 -18.37 10.04
N LYS B 247 -18.03 -18.98 8.91
CA LYS B 247 -19.35 -18.87 8.34
C LYS B 247 -19.48 -20.27 7.75
N ASN B 248 -18.65 -21.16 8.28
CA ASN B 248 -18.61 -22.58 7.90
C ASN B 248 -18.50 -22.70 6.37
N ARG B 249 -17.29 -22.91 5.85
CA ARG B 249 -17.11 -23.08 4.40
C ARG B 249 -15.91 -23.97 4.14
N LYS B 250 -15.90 -24.57 2.95
CA LYS B 250 -14.85 -25.49 2.55
C LYS B 250 -13.58 -24.87 1.96
N LEU B 251 -12.80 -24.24 2.82
CA LEU B 251 -11.58 -23.63 2.33
C LEU B 251 -10.46 -24.66 2.49
N PRO B 252 -9.83 -25.07 1.38
CA PRO B 252 -8.73 -26.04 1.27
C PRO B 252 -7.56 -25.82 2.22
N PRO B 253 -7.13 -26.88 2.92
CA PRO B 253 -6.01 -26.78 3.87
C PRO B 253 -4.74 -26.21 3.26
N PHE B 254 -4.78 -25.84 1.97
CA PHE B 254 -3.60 -25.27 1.31
C PHE B 254 -3.67 -23.75 1.43
N LEU B 255 -4.83 -23.19 1.08
CA LEU B 255 -5.03 -21.77 1.19
C LEU B 255 -4.89 -21.43 2.65
N GLU B 256 -5.78 -21.98 3.49
CA GLU B 256 -5.76 -21.73 4.93
C GLU B 256 -4.31 -21.75 5.41
N GLU B 257 -3.49 -22.59 4.78
CA GLU B 257 -2.09 -22.65 5.13
C GLU B 257 -1.46 -21.32 4.75
N ILE B 258 -1.11 -21.20 3.46
CA ILE B 258 -0.45 -20.02 2.89
C ILE B 258 -0.92 -18.71 3.49
N TRP B 259 -2.18 -18.37 3.27
CA TRP B 259 -2.71 -17.14 3.82
C TRP B 259 -3.41 -17.49 5.12
N ASP B 260 -2.74 -18.21 6.01
CA ASP B 260 -3.34 -18.65 7.28
C ASP B 260 -4.50 -17.83 7.87
N VAL B 261 -5.37 -18.55 8.57
CA VAL B 261 -6.56 -17.97 9.21
C VAL B 261 -6.92 -18.70 10.55
#